data_6PIV
#
_entry.id   6PIV
#
_cell.length_a   55.243
_cell.length_b   58.677
_cell.length_c   60.012
_cell.angle_alpha   90.00
_cell.angle_beta   90.00
_cell.angle_gamma   90.00
#
_symmetry.space_group_name_H-M   'P 21 21 21'
#
loop_
_entity.id
_entity.type
_entity.pdbx_description
1 polymer 'NS3/4A protease'
2 non-polymer 'ZINC ION'
3 non-polymer '(1R,3r,5S)-bicyclo[3.1.0]hexan-3-yl [(2R,6S,12Z,13aS,14aR,16aS)-2-[(7-methoxy-3-methylquinoxalin-2-yl)oxy]-14a-{[(1-methylcyclopropyl)sulfonyl]carbamoyl}-5,16-dioxo-1,2,3,5,6,7,8,9,10,11,13a,14,14a,15,16,16a-hexadecahydrocyclopropa[e]pyrrolo[1,2-a][1,4]diazacyclopentadecin-6-yl]carbamate'
4 non-polymer 1,2-ETHANEDIOL
5 non-polymer 'SULFATE ION'
6 water water
#
_entity_poly.entity_id   1
_entity_poly.type   'polypeptide(L)'
_entity_poly.pdbx_seq_one_letter_code
;MGSSHHHHHHSSGLVPRGSHMASMKKKGSVVIVGRINLSGDTAYAQQTRGEEGCQETSQTGRDKNQVEGEVQIVSTATQT
FLATSINGVLWTVYHGAGTRTIASPKGPVTQMYTNVDKDLVGWQAPQGSRSLTPCTCGSSDLYLVTRHADVIPVRRRGDS
RGSLLSPRPISYLKGSSGGPLLCPAGHAVGIFRAAVSTRGVAKAVAFIPVESLETTMRSP
;
_entity_poly.pdbx_strand_id   A
#
# COMPACT_ATOMS: atom_id res chain seq x y z
N HIS A 20 -31.99 -12.45 1.62
CA HIS A 20 -32.29 -13.78 1.07
C HIS A 20 -31.14 -14.28 0.22
N MET A 21 -31.03 -15.61 0.11
CA MET A 21 -29.93 -16.21 -0.63
C MET A 21 -29.87 -15.70 -2.07
N ALA A 22 -31.04 -15.54 -2.71
CA ALA A 22 -31.07 -15.04 -4.07
C ALA A 22 -30.62 -13.60 -4.18
N SER A 23 -30.58 -12.87 -3.06
CA SER A 23 -30.29 -11.44 -3.07
C SER A 23 -28.88 -11.11 -2.62
N MET A 24 -28.12 -12.09 -2.12
CA MET A 24 -26.87 -11.79 -1.46
C MET A 24 -25.82 -11.31 -2.46
N LYS A 25 -25.22 -10.17 -2.17
CA LYS A 25 -24.26 -9.53 -3.06
C LYS A 25 -22.85 -10.00 -2.78
N LYS A 26 -21.94 -9.66 -3.69
CA LYS A 26 -20.52 -9.98 -3.58
C LYS A 26 -19.73 -8.68 -3.51
N LYS A 27 -18.77 -8.62 -2.59
CA LYS A 27 -17.92 -7.45 -2.49
C LYS A 27 -17.05 -7.34 -3.74
N GLY A 28 -16.80 -6.11 -4.17
CA GLY A 28 -15.98 -5.88 -5.34
C GLY A 28 -14.51 -6.09 -5.06
N SER A 29 -13.73 -6.08 -6.14
CA SER A 29 -12.29 -6.25 -6.05
C SER A 29 -11.63 -4.91 -5.71
N VAL A 30 -10.44 -5.01 -5.12
CA VAL A 30 -9.57 -3.84 -5.03
C VAL A 30 -9.13 -3.45 -6.43
N VAL A 31 -9.14 -2.14 -6.72
CA VAL A 31 -8.81 -1.63 -8.03
C VAL A 31 -7.63 -0.66 -7.91
N ILE A 32 -6.63 -0.83 -8.77
CA ILE A 32 -5.57 0.15 -8.89
C ILE A 32 -6.12 1.37 -9.63
N VAL A 33 -6.03 2.53 -8.99
CA VAL A 33 -6.53 3.78 -9.56
C VAL A 33 -5.41 4.77 -9.85
N GLY A 34 -4.17 4.43 -9.51
CA GLY A 34 -3.07 5.33 -9.77
C GLY A 34 -1.79 4.77 -9.21
N ARG A 35 -0.77 5.62 -9.17
CA ARG A 35 0.52 5.20 -8.64
C ARG A 35 1.27 6.43 -8.12
N ILE A 36 2.27 6.15 -7.28
CA ILE A 36 3.23 7.17 -6.85
C ILE A 36 4.47 6.99 -7.73
N ASN A 37 4.71 7.96 -8.60
CA ASN A 37 5.84 7.89 -9.51
C ASN A 37 7.12 8.24 -8.77
N LEU A 38 8.02 7.26 -8.66
CA LEU A 38 9.34 7.47 -8.08
C LEU A 38 10.44 7.29 -9.12
N SER A 39 10.09 7.49 -10.40
CA SER A 39 11.03 7.22 -11.48
C SER A 39 12.17 8.23 -11.48
N GLY A 40 11.84 9.52 -11.56
CA GLY A 40 12.86 10.55 -11.70
C GLY A 40 13.34 11.08 -10.36
N ASP A 41 13.61 12.39 -10.32
CA ASP A 41 14.04 13.06 -9.11
C ASP A 41 12.91 13.73 -8.36
N THR A 42 11.70 13.76 -8.94
CA THR A 42 10.53 14.40 -8.33
C THR A 42 9.44 13.35 -8.17
N ALA A 43 9.11 13.03 -6.93
CA ALA A 43 7.98 12.14 -6.66
C ALA A 43 6.68 12.88 -6.91
N TYR A 44 5.76 12.22 -7.60
CA TYR A 44 4.45 12.81 -7.85
C TYR A 44 3.43 11.70 -8.06
N ALA A 45 2.21 11.95 -7.60
CA ALA A 45 1.13 10.99 -7.76
C ALA A 45 0.51 11.11 -9.14
N GLN A 46 0.14 9.96 -9.70
CA GLN A 46 -0.55 9.88 -10.98
C GLN A 46 -1.84 9.09 -10.79
N GLN A 47 -2.93 9.62 -11.31
CA GLN A 47 -4.17 8.85 -11.38
C GLN A 47 -4.27 8.22 -12.75
N THR A 48 -4.66 6.94 -12.78
CA THR A 48 -4.82 6.19 -14.00
C THR A 48 -6.25 5.73 -14.26
N ARG A 49 -7.16 5.94 -13.32
CA ARG A 49 -8.55 5.51 -13.47
C ARG A 49 -9.45 6.39 -12.61
N GLY A 50 -10.56 6.85 -13.19
CA GLY A 50 -11.50 7.69 -12.48
C GLY A 50 -12.48 6.90 -11.66
N GLU A 51 -13.34 7.63 -10.95
CA GLU A 51 -14.33 7.01 -10.07
C GLU A 51 -15.23 6.06 -10.85
N GLU A 52 -15.87 6.54 -11.92
CA GLU A 52 -16.75 5.70 -12.71
C GLU A 52 -16.03 4.43 -13.16
N GLY A 53 -14.86 4.58 -13.78
CA GLY A 53 -14.11 3.42 -14.21
C GLY A 53 -13.73 2.51 -13.06
N CYS A 54 -13.44 3.08 -11.90
CA CYS A 54 -13.09 2.27 -10.73
C CYS A 54 -14.29 1.42 -10.30
N GLN A 55 -15.47 2.03 -10.23
CA GLN A 55 -16.68 1.29 -9.86
C GLN A 55 -16.88 0.10 -10.80
N GLU A 56 -16.86 0.34 -12.11
CA GLU A 56 -17.08 -0.72 -13.08
C GLU A 56 -16.02 -1.82 -12.94
N THR A 57 -14.77 -1.43 -12.73
CA THR A 57 -13.70 -2.42 -12.63
C THR A 57 -13.78 -3.21 -11.34
N SER A 58 -14.23 -2.57 -10.25
CA SER A 58 -14.38 -3.29 -8.99
C SER A 58 -15.42 -4.40 -9.11
N GLN A 59 -16.48 -4.16 -9.88
CA GLN A 59 -17.57 -5.13 -10.00
C GLN A 59 -17.18 -6.32 -10.86
N THR A 60 -16.49 -6.08 -11.97
CA THR A 60 -16.09 -7.16 -12.86
C THR A 60 -14.77 -7.80 -12.47
N GLY A 61 -13.91 -7.08 -11.74
CA GLY A 61 -12.58 -7.58 -11.49
C GLY A 61 -11.68 -7.61 -12.71
N ARG A 62 -12.10 -6.99 -13.81
CA ARG A 62 -11.35 -6.98 -15.06
C ARG A 62 -10.73 -5.60 -15.24
N ASP A 63 -9.41 -5.51 -15.04
CA ASP A 63 -8.65 -4.27 -15.19
C ASP A 63 -7.64 -4.49 -16.31
N LYS A 64 -7.83 -3.79 -17.43
CA LYS A 64 -6.94 -3.92 -18.58
C LYS A 64 -5.88 -2.82 -18.63
N ASN A 65 -5.85 -1.93 -17.65
CA ASN A 65 -4.88 -0.84 -17.66
C ASN A 65 -3.47 -1.37 -17.46
N GLN A 66 -2.51 -0.73 -18.12
CA GLN A 66 -1.11 -1.05 -17.89
C GLN A 66 -0.69 -0.59 -16.51
N VAL A 67 0.04 -1.46 -15.80
CA VAL A 67 0.52 -1.18 -14.46
C VAL A 67 2.00 -0.85 -14.53
N GLU A 68 2.43 0.14 -13.76
CA GLU A 68 3.82 0.57 -13.72
C GLU A 68 4.18 0.96 -12.29
N GLY A 69 5.46 0.77 -11.94
CA GLY A 69 5.99 1.30 -10.71
C GLY A 69 5.87 0.37 -9.53
N GLU A 70 6.37 0.85 -8.39
CA GLU A 70 6.43 0.07 -7.17
C GLU A 70 5.25 0.33 -6.23
N VAL A 71 4.77 1.57 -6.17
CA VAL A 71 3.73 1.96 -5.21
C VAL A 71 2.47 2.30 -5.99
N GLN A 72 1.42 1.51 -5.77
CA GLN A 72 0.13 1.72 -6.41
C GLN A 72 -0.83 2.42 -5.45
N ILE A 73 -1.72 3.23 -6.03
CA ILE A 73 -2.87 3.75 -5.31
C ILE A 73 -4.04 2.86 -5.62
N VAL A 74 -4.69 2.33 -4.58
CA VAL A 74 -5.76 1.36 -4.75
C VAL A 74 -7.00 1.85 -4.03
N SER A 75 -8.16 1.37 -4.49
CA SER A 75 -9.43 1.79 -3.95
C SER A 75 -10.42 0.62 -3.94
N THR A 76 -11.31 0.65 -2.96
CA THR A 76 -12.52 -0.14 -2.96
C THR A 76 -13.69 0.81 -3.20
N ALA A 77 -14.92 0.31 -2.99
CA ALA A 77 -16.08 1.17 -3.11
C ALA A 77 -16.13 2.21 -2.00
N THR A 78 -15.42 1.99 -0.90
CA THR A 78 -15.54 2.83 0.29
C THR A 78 -14.22 3.35 0.83
N GLN A 79 -13.08 2.82 0.40
N GLN A 79 -13.08 2.83 0.39
CA GLN A 79 -11.79 3.23 0.95
CA GLN A 79 -11.79 3.22 0.94
C GLN A 79 -10.78 3.39 -0.18
C GLN A 79 -10.78 3.39 -0.18
N THR A 80 -9.73 4.16 0.11
CA THR A 80 -8.60 4.31 -0.80
C THR A 80 -7.33 4.31 0.04
N PHE A 81 -6.31 3.61 -0.46
CA PHE A 81 -5.05 3.45 0.27
C PHE A 81 -3.97 3.09 -0.76
N LEU A 82 -2.85 2.55 -0.28
CA LEU A 82 -1.73 2.23 -1.13
C LEU A 82 -1.41 0.75 -1.07
N ALA A 83 -0.69 0.27 -2.08
CA ALA A 83 -0.17 -1.08 -2.14
C ALA A 83 1.24 -1.02 -2.72
N THR A 84 2.14 -1.85 -2.18
CA THR A 84 3.57 -1.78 -2.49
C THR A 84 4.07 -3.14 -2.93
N SER A 85 4.78 -3.18 -4.05
CA SER A 85 5.35 -4.41 -4.57
C SER A 85 6.74 -4.65 -3.96
N ILE A 86 6.91 -5.80 -3.33
CA ILE A 86 8.19 -6.21 -2.75
C ILE A 86 8.39 -7.69 -3.07
N ASN A 87 9.46 -8.00 -3.78
CA ASN A 87 9.80 -9.38 -4.14
C ASN A 87 8.64 -10.07 -4.86
N GLY A 88 8.09 -9.38 -5.86
CA GLY A 88 7.06 -9.98 -6.70
C GLY A 88 5.71 -10.14 -6.05
N VAL A 89 5.47 -9.51 -4.90
CA VAL A 89 4.19 -9.56 -4.21
C VAL A 89 3.72 -8.13 -3.98
N LEU A 90 2.47 -7.85 -4.32
CA LEU A 90 1.87 -6.54 -4.07
C LEU A 90 1.25 -6.58 -2.67
N TRP A 91 1.85 -5.85 -1.73
CA TRP A 91 1.46 -5.86 -0.33
C TRP A 91 0.58 -4.66 0.01
N THR A 92 -0.38 -4.88 0.90
CA THR A 92 -1.18 -3.79 1.45
C THR A 92 -1.69 -4.23 2.82
N VAL A 93 -2.58 -3.42 3.41
CA VAL A 93 -3.06 -3.64 4.76
C VAL A 93 -4.40 -4.35 4.73
N TYR A 94 -4.63 -5.23 5.71
CA TYR A 94 -5.90 -5.94 5.79
C TYR A 94 -7.05 -4.99 6.11
N HIS A 95 -6.81 -3.96 6.93
CA HIS A 95 -7.87 -3.05 7.30
C HIS A 95 -8.33 -2.19 6.13
N GLY A 96 -7.62 -2.22 5.01
CA GLY A 96 -8.09 -1.59 3.80
C GLY A 96 -8.70 -2.58 2.83
N ALA A 97 -7.99 -3.69 2.61
CA ALA A 97 -8.36 -4.65 1.58
C ALA A 97 -9.27 -5.77 2.06
N GLY A 98 -9.26 -6.07 3.36
CA GLY A 98 -9.96 -7.26 3.81
C GLY A 98 -9.45 -8.49 3.09
N THR A 99 -10.36 -9.40 2.78
CA THR A 99 -10.05 -10.61 2.01
C THR A 99 -10.36 -10.44 0.53
N ARG A 100 -10.45 -9.20 0.05
N ARG A 100 -10.44 -9.20 0.05
CA ARG A 100 -10.90 -8.95 -1.31
CA ARG A 100 -10.88 -8.95 -1.31
C ARG A 100 -9.88 -9.44 -2.34
C ARG A 100 -9.88 -9.46 -2.33
N THR A 101 -10.38 -9.77 -3.52
CA THR A 101 -9.56 -10.00 -4.68
C THR A 101 -9.10 -8.64 -5.23
N ILE A 102 -8.11 -8.68 -6.11
CA ILE A 102 -7.68 -7.49 -6.84
C ILE A 102 -8.02 -7.69 -8.30
N ALA A 103 -8.42 -6.61 -8.97
CA ALA A 103 -8.74 -6.69 -10.38
C ALA A 103 -7.48 -6.84 -11.22
N SER A 104 -7.61 -7.58 -12.32
CA SER A 104 -6.49 -7.85 -13.22
C SER A 104 -7.04 -8.02 -14.62
N PRO A 105 -6.15 -8.05 -15.63
CA PRO A 105 -6.65 -8.17 -17.01
C PRO A 105 -7.52 -9.38 -17.26
N LYS A 106 -7.30 -10.48 -16.54
CA LYS A 106 -8.03 -11.72 -16.76
C LYS A 106 -9.07 -12.00 -15.69
N GLY A 107 -9.34 -11.05 -14.80
CA GLY A 107 -10.36 -11.21 -13.80
C GLY A 107 -9.83 -11.09 -12.39
N PRO A 108 -10.70 -11.29 -11.40
CA PRO A 108 -10.29 -11.12 -10.00
C PRO A 108 -9.19 -12.11 -9.62
N VAL A 109 -8.22 -11.62 -8.86
CA VAL A 109 -7.08 -12.40 -8.42
C VAL A 109 -7.18 -12.56 -6.91
N THR A 110 -7.17 -13.81 -6.44
CA THR A 110 -7.29 -14.11 -5.03
C THR A 110 -5.98 -13.83 -4.30
N GLN A 111 -6.10 -13.33 -3.07
CA GLN A 111 -4.92 -13.09 -2.25
C GLN A 111 -4.13 -14.37 -2.07
N MET A 112 -2.80 -14.25 -2.11
CA MET A 112 -1.93 -15.36 -1.78
C MET A 112 -1.34 -15.24 -0.37
N TYR A 113 -1.52 -14.09 0.29
CA TYR A 113 -1.17 -13.92 1.69
C TYR A 113 -2.28 -13.14 2.39
N THR A 114 -2.65 -13.60 3.58
CA THR A 114 -3.62 -12.91 4.41
C THR A 114 -3.25 -13.15 5.87
N ASN A 115 -2.92 -12.07 6.59
CA ASN A 115 -2.60 -12.16 8.02
C ASN A 115 -3.24 -10.99 8.74
N VAL A 116 -4.37 -11.25 9.39
CA VAL A 116 -5.10 -10.20 10.10
C VAL A 116 -4.35 -9.79 11.36
N ASP A 117 -3.54 -10.69 11.93
CA ASP A 117 -2.77 -10.34 13.12
C ASP A 117 -1.68 -9.33 12.80
N LYS A 118 -1.19 -9.32 11.56
CA LYS A 118 -0.19 -8.36 11.12
C LYS A 118 -0.80 -7.20 10.36
N ASP A 119 -2.11 -7.22 10.12
CA ASP A 119 -2.78 -6.23 9.29
C ASP A 119 -2.19 -6.24 7.87
N LEU A 120 -1.97 -7.45 7.34
CA LEU A 120 -1.22 -7.63 6.11
C LEU A 120 -1.96 -8.54 5.15
N VAL A 121 -1.98 -8.16 3.87
CA VAL A 121 -2.44 -9.04 2.80
C VAL A 121 -1.49 -8.85 1.63
N GLY A 122 -1.56 -9.79 0.69
CA GLY A 122 -0.72 -9.73 -0.49
C GLY A 122 -1.28 -10.50 -1.67
N TRP A 123 -1.13 -9.93 -2.86
CA TRP A 123 -1.41 -10.60 -4.12
C TRP A 123 -0.13 -10.72 -4.92
N GLN A 124 -0.15 -11.60 -5.93
CA GLN A 124 0.94 -11.63 -6.89
C GLN A 124 1.09 -10.25 -7.53
N ALA A 125 2.33 -9.78 -7.65
CA ALA A 125 2.56 -8.46 -8.23
C ALA A 125 2.01 -8.43 -9.66
N PRO A 126 1.26 -7.39 -10.04
CA PRO A 126 0.69 -7.38 -11.39
C PRO A 126 1.76 -7.23 -12.47
N GLN A 127 1.48 -7.81 -13.64
CA GLN A 127 2.39 -7.71 -14.77
C GLN A 127 2.62 -6.25 -15.12
N GLY A 128 3.88 -5.87 -15.28
CA GLY A 128 4.27 -4.51 -15.59
C GLY A 128 4.76 -3.71 -14.40
N SER A 129 4.46 -4.16 -13.19
CA SER A 129 4.91 -3.47 -11.99
C SER A 129 6.38 -3.80 -11.73
N ARG A 130 7.00 -2.98 -10.89
CA ARG A 130 8.36 -3.22 -10.44
C ARG A 130 8.36 -3.40 -8.93
N SER A 131 9.27 -4.23 -8.44
CA SER A 131 9.33 -4.62 -7.04
C SER A 131 10.50 -3.94 -6.34
N LEU A 132 10.26 -3.51 -5.11
CA LEU A 132 11.34 -3.03 -4.26
C LEU A 132 12.09 -4.21 -3.65
N THR A 133 13.37 -3.99 -3.38
CA THR A 133 14.20 -5.02 -2.76
C THR A 133 14.16 -4.90 -1.24
N PRO A 134 13.99 -6.01 -0.50
CA PRO A 134 14.03 -5.90 0.96
C PRO A 134 15.35 -5.36 1.46
N CYS A 135 15.28 -4.48 2.46
CA CYS A 135 16.47 -3.85 3.01
C CYS A 135 17.24 -4.81 3.90
N THR A 136 18.56 -4.85 3.71
CA THR A 136 19.46 -5.54 4.62
C THR A 136 20.53 -4.59 5.18
N CYS A 137 20.30 -3.28 5.07
CA CYS A 137 21.29 -2.29 5.50
C CYS A 137 21.35 -2.16 7.01
N GLY A 138 20.24 -2.40 7.70
CA GLY A 138 20.22 -2.19 9.14
C GLY A 138 20.21 -0.74 9.55
N SER A 139 19.85 0.16 8.64
CA SER A 139 19.83 1.59 8.92
C SER A 139 18.52 1.99 9.58
N SER A 140 18.58 3.03 10.39
CA SER A 140 17.41 3.57 11.09
C SER A 140 16.98 4.93 10.54
N ASP A 141 17.57 5.38 9.44
CA ASP A 141 17.19 6.63 8.79
C ASP A 141 16.28 6.26 7.61
N LEU A 142 14.97 6.36 7.83
CA LEU A 142 13.98 5.87 6.89
C LEU A 142 13.26 7.02 6.21
N TYR A 143 12.45 6.66 5.22
CA TYR A 143 11.68 7.62 4.44
C TYR A 143 10.33 6.99 4.12
N LEU A 144 9.25 7.68 4.48
CA LEU A 144 7.90 7.21 4.25
C LEU A 144 7.31 7.92 3.04
N VAL A 145 6.76 7.15 2.10
CA VAL A 145 6.16 7.67 0.89
C VAL A 145 4.65 7.68 1.07
N THR A 146 4.05 8.87 1.03
CA THR A 146 2.61 9.01 1.21
C THR A 146 1.91 8.96 -0.15
N ARG A 147 0.57 8.99 -0.11
CA ARG A 147 -0.22 8.93 -1.33
C ARG A 147 -0.23 10.25 -2.10
N HIS A 148 0.35 11.32 -1.54
CA HIS A 148 0.54 12.57 -2.27
C HIS A 148 1.96 12.73 -2.79
N ALA A 149 2.72 11.65 -2.81
CA ALA A 149 4.13 11.65 -3.22
C ALA A 149 4.99 12.48 -2.27
N ASP A 150 4.56 12.65 -1.03
CA ASP A 150 5.40 13.25 -0.01
C ASP A 150 6.38 12.21 0.51
N VAL A 151 7.63 12.62 0.68
CA VAL A 151 8.70 11.74 1.17
C VAL A 151 9.09 12.27 2.55
N ILE A 152 8.64 11.57 3.59
CA ILE A 152 8.70 12.06 4.96
C ILE A 152 9.87 11.35 5.66
N PRO A 153 10.89 12.07 6.10
CA PRO A 153 11.94 11.44 6.92
C PRO A 153 11.36 10.87 8.21
N VAL A 154 11.75 9.64 8.51
CA VAL A 154 11.28 8.93 9.70
C VAL A 154 12.48 8.22 10.33
N ARG A 155 12.67 8.43 11.64
CA ARG A 155 13.72 7.75 12.39
C ARG A 155 13.16 6.46 12.97
N ARG A 156 13.79 5.34 12.67
CA ARG A 156 13.35 4.07 13.23
C ARG A 156 13.58 4.06 14.74
N ARG A 157 12.54 3.72 15.49
CA ARG A 157 12.59 3.69 16.95
C ARG A 157 12.40 2.29 17.53
N GLY A 158 12.13 1.30 16.68
CA GLY A 158 11.95 -0.06 17.17
C GLY A 158 11.80 -1.01 16.02
N ASP A 159 11.40 -2.24 16.35
CA ASP A 159 11.21 -3.25 15.31
C ASP A 159 10.11 -2.84 14.34
N SER A 160 9.09 -2.13 14.82
CA SER A 160 7.95 -1.80 13.97
C SER A 160 7.40 -0.40 14.25
N ARG A 161 8.24 0.50 14.76
CA ARG A 161 7.84 1.87 15.03
C ARG A 161 8.89 2.84 14.50
N GLY A 162 8.45 4.05 14.20
CA GLY A 162 9.34 5.11 13.76
C GLY A 162 8.72 6.46 14.02
N SER A 163 9.56 7.45 14.26
CA SER A 163 9.12 8.80 14.60
C SER A 163 9.31 9.75 13.42
N LEU A 164 8.33 10.62 13.20
CA LEU A 164 8.45 11.64 12.18
C LEU A 164 9.43 12.71 12.64
N LEU A 165 10.40 13.04 11.79
CA LEU A 165 11.31 14.14 12.11
C LEU A 165 10.56 15.48 12.15
N SER A 166 9.50 15.61 11.34
CA SER A 166 8.66 16.81 11.32
C SER A 166 7.22 16.35 11.47
N PRO A 167 6.69 16.35 12.70
CA PRO A 167 5.29 15.93 12.89
C PRO A 167 4.32 16.77 12.08
N ARG A 168 3.17 16.18 11.77
CA ARG A 168 2.14 16.86 11.00
C ARG A 168 0.79 16.23 11.34
N PRO A 169 -0.31 16.95 11.08
CA PRO A 169 -1.63 16.38 11.39
C PRO A 169 -1.83 15.03 10.72
N ILE A 170 -2.64 14.18 11.37
CA ILE A 170 -2.91 12.86 10.82
C ILE A 170 -3.61 12.95 9.47
N SER A 171 -4.26 14.08 9.19
CA SER A 171 -4.92 14.26 7.90
C SER A 171 -3.96 14.02 6.74
N TYR A 172 -2.68 14.36 6.92
CA TYR A 172 -1.70 14.24 5.85
C TYR A 172 -1.25 12.80 5.62
N LEU A 173 -1.42 11.92 6.61
CA LEU A 173 -1.08 10.52 6.46
C LEU A 173 -2.28 9.64 6.12
N LYS A 174 -3.50 10.13 6.33
CA LYS A 174 -4.68 9.34 6.05
C LYS A 174 -4.69 8.90 4.60
N GLY A 175 -4.95 7.62 4.37
CA GLY A 175 -4.98 7.06 3.04
C GLY A 175 -3.64 6.57 2.52
N SER A 176 -2.61 6.54 3.37
CA SER A 176 -1.28 6.12 2.95
C SER A 176 -0.87 4.78 3.53
N SER A 177 -1.75 4.12 4.28
CA SER A 177 -1.45 2.75 4.71
C SER A 177 -1.21 1.88 3.49
N GLY A 178 -0.29 0.92 3.63
CA GLY A 178 0.16 0.13 2.52
C GLY A 178 1.33 0.72 1.77
N GLY A 179 1.69 1.97 2.04
CA GLY A 179 2.85 2.60 1.44
C GLY A 179 4.14 2.14 2.08
N PRO A 180 5.26 2.39 1.41
CA PRO A 180 6.54 1.90 1.91
C PRO A 180 7.25 2.87 2.85
N LEU A 181 8.00 2.29 3.77
CA LEU A 181 9.10 2.98 4.44
C LEU A 181 10.39 2.47 3.78
N LEU A 182 11.22 3.40 3.34
CA LEU A 182 12.42 3.08 2.58
C LEU A 182 13.67 3.49 3.36
N CYS A 183 14.76 2.79 3.09
CA CYS A 183 16.07 3.14 3.62
C CYS A 183 16.73 4.18 2.73
N PRO A 184 17.89 4.71 3.12
CA PRO A 184 18.56 5.71 2.27
C PRO A 184 18.84 5.19 0.87
N ALA A 185 19.03 3.89 0.70
CA ALA A 185 19.33 3.30 -0.60
C ALA A 185 18.09 2.91 -1.39
N GLY A 186 16.90 3.25 -0.89
CA GLY A 186 15.68 2.93 -1.60
C GLY A 186 15.18 1.52 -1.42
N HIS A 187 15.72 0.76 -0.47
CA HIS A 187 15.20 -0.55 -0.15
C HIS A 187 13.93 -0.43 0.68
N ALA A 188 13.07 -1.44 0.59
CA ALA A 188 11.84 -1.48 1.38
C ALA A 188 12.16 -1.96 2.79
N VAL A 189 11.79 -1.16 3.79
CA VAL A 189 12.03 -1.51 5.17
C VAL A 189 10.75 -1.94 5.87
N GLY A 190 9.61 -1.47 5.39
CA GLY A 190 8.35 -1.85 5.98
C GLY A 190 7.18 -1.27 5.22
N ILE A 191 5.99 -1.66 5.68
CA ILE A 191 4.71 -1.22 5.10
C ILE A 191 3.98 -0.41 6.15
N PHE A 192 3.59 0.82 5.78
CA PHE A 192 2.91 1.73 6.71
C PHE A 192 1.56 1.16 7.14
N ARG A 193 1.36 1.07 8.46
CA ARG A 193 0.18 0.43 9.03
C ARG A 193 -0.67 1.38 9.86
N ALA A 194 -0.08 2.15 10.77
CA ALA A 194 -0.87 2.97 11.67
C ALA A 194 -0.08 4.19 12.10
N ALA A 195 -0.80 5.21 12.55
CA ALA A 195 -0.23 6.48 12.97
C ALA A 195 -0.50 6.71 14.45
N VAL A 196 0.54 7.07 15.19
CA VAL A 196 0.42 7.43 16.60
C VAL A 196 0.14 8.92 16.67
N SER A 197 -1.05 9.29 17.12
CA SER A 197 -1.51 10.67 17.11
C SER A 197 -1.68 11.19 18.54
N THR A 198 -1.23 12.42 18.75
CA THR A 198 -1.44 13.14 20.01
C THR A 198 -2.13 14.45 19.66
N ARG A 199 -3.38 14.60 20.08
CA ARG A 199 -4.17 15.78 19.74
C ARG A 199 -4.22 15.99 18.22
N GLY A 200 -4.38 14.88 17.49
CA GLY A 200 -4.48 14.94 16.05
C GLY A 200 -3.17 15.10 15.31
N VAL A 201 -2.04 15.17 16.01
CA VAL A 201 -0.74 15.34 15.39
C VAL A 201 -0.03 13.99 15.37
N ALA A 202 0.39 13.57 14.18
CA ALA A 202 1.12 12.31 14.02
C ALA A 202 2.58 12.56 14.36
N LYS A 203 3.03 11.99 15.49
CA LYS A 203 4.44 12.06 15.89
C LYS A 203 5.21 10.78 15.57
N ALA A 204 4.52 9.67 15.36
CA ALA A 204 5.16 8.39 15.11
C ALA A 204 4.24 7.51 14.28
N VAL A 205 4.83 6.50 13.65
CA VAL A 205 4.08 5.57 12.82
C VAL A 205 4.47 4.15 13.18
N ALA A 206 3.53 3.24 12.97
CA ALA A 206 3.77 1.80 13.06
C ALA A 206 3.77 1.23 11.66
N PHE A 207 4.66 0.27 11.41
CA PHE A 207 4.75 -0.36 10.11
C PHE A 207 4.99 -1.85 10.29
N ILE A 208 4.73 -2.60 9.22
CA ILE A 208 4.99 -4.04 9.18
C ILE A 208 6.42 -4.23 8.69
N PRO A 209 7.33 -4.74 9.51
CA PRO A 209 8.72 -4.89 9.06
C PRO A 209 8.81 -5.82 7.86
N VAL A 210 9.72 -5.48 6.94
CA VAL A 210 9.90 -6.31 5.75
C VAL A 210 10.27 -7.74 6.14
N GLU A 211 10.97 -7.92 7.27
CA GLU A 211 11.27 -9.26 7.74
C GLU A 211 10.00 -10.05 7.99
N SER A 212 8.95 -9.38 8.48
CA SER A 212 7.66 -10.04 8.68
C SER A 212 7.05 -10.45 7.34
N LEU A 213 7.24 -9.64 6.30
CA LEU A 213 6.82 -10.03 4.97
C LEU A 213 7.61 -11.24 4.48
N GLU A 214 8.94 -11.20 4.64
CA GLU A 214 9.78 -12.31 4.19
C GLU A 214 9.47 -13.59 4.94
N THR A 215 9.04 -13.48 6.20
CA THR A 215 8.63 -14.65 6.96
C THR A 215 7.28 -15.16 6.48
N THR A 216 6.35 -14.25 6.21
CA THR A 216 5.04 -14.65 5.68
C THR A 216 5.20 -15.37 4.35
N MET A 217 6.13 -14.91 3.51
CA MET A 217 6.37 -15.53 2.22
C MET A 217 6.85 -16.97 2.38
#